data_9DWY
#
_entry.id   9DWY
#
_cell.length_a   1.00
_cell.length_b   1.00
_cell.length_c   1.00
_cell.angle_alpha   90.00
_cell.angle_beta   90.00
_cell.angle_gamma   90.00
#
_symmetry.space_group_name_H-M   'P 1'
#
loop_
_entity.id
_entity.type
_entity.pdbx_description
1 polymer 'Monocarboxylate transporter 8'
2 non-polymer "3,5,3'TRIIODOTHYRONINE"
#
_entity_poly.entity_id   1
_entity_poly.type   'polypeptide(L)'
_entity_poly.pdbx_seq_one_letter_code
;MALQSQASEEAKGPWQEADQEQQEPVGSPEPESEPEPEPEPEPVPVPPPEPQPEPQPLPDPAPLPELEFESERVHEPEPT
PTVETRGTARGFQPPEGGFGWVVVFAATWCNGSIFGIHNSVGILYSMLLEEEKEKNRQVEFQAAWVGALAMGMIFFCSPI
VSIFTDRLGCRITATAGAAVAFIGLHTSSFTSSLSLRYFTYGILFGCGCSFAFQPSLVILGHYFQRRLGLANGVVSAGSS
IFSMSFPFLIRMLGDKIKLAQTFQVLSTFMFVLMLLSLTYRPLLPSSQDTPSKRGVRTLHQRFLAQLRKYFNMRVFRQRT
YRIWAFGIAAAALGYFVPYVHLMKYVEEEFSEIKETWVLLVCIGATSGLGRLVSGHISDSIPGLKKIYLQVLSFLLLGLM
SMMIPLCRDFGGLIVVCLFLGLCDGFFITIMAPIAFELVGPMQASQAIGYLLGMMALPMIAGPPIAGLLRNCFGDYHVAF
YFAGVPPIIGAVILFFVPLMHQRMFKKEQRDSSKDKMLAPDPDPNGELLPGSPNPEEPIAAALEVLFQGPGAAEDQVDPR
LIDGKHHHHHHHH
;
_entity_poly.pdbx_strand_id   A
#
loop_
_chem_comp.id
_chem_comp.type
_chem_comp.name
_chem_comp.formula
T3 non-polymer 3,5,3'TRIIODOTHYRONINE 'C15 H12 I3 N O4'
#
# COMPACT_ATOMS: atom_id res chain seq x y z
N PHE A 99 -11.45 21.53 -9.68
CA PHE A 99 -10.66 21.58 -8.45
C PHE A 99 -10.46 20.18 -7.89
N GLY A 100 -11.24 19.23 -8.42
CA GLY A 100 -11.08 17.84 -8.03
C GLY A 100 -9.73 17.26 -8.39
N TRP A 101 -9.18 17.66 -9.54
CA TRP A 101 -7.87 17.15 -9.94
C TRP A 101 -6.74 17.76 -9.13
N VAL A 102 -6.94 18.93 -8.52
CA VAL A 102 -5.98 19.43 -7.56
C VAL A 102 -5.90 18.50 -6.35
N VAL A 103 -7.06 18.08 -5.84
CA VAL A 103 -7.12 17.12 -4.75
C VAL A 103 -6.52 15.79 -5.19
N VAL A 104 -6.73 15.40 -6.45
CA VAL A 104 -6.15 14.17 -6.96
C VAL A 104 -4.62 14.27 -6.96
N PHE A 105 -4.09 15.42 -7.36
CA PHE A 105 -2.64 15.63 -7.34
C PHE A 105 -2.11 15.58 -5.92
N ALA A 106 -2.84 16.19 -4.98
CA ALA A 106 -2.41 16.17 -3.58
C ALA A 106 -2.38 14.74 -3.04
N ALA A 107 -3.42 13.96 -3.32
CA ALA A 107 -3.47 12.57 -2.86
C ALA A 107 -2.42 11.72 -3.55
N THR A 108 -2.13 12.01 -4.82
CA THR A 108 -1.04 11.32 -5.51
C THR A 108 0.28 11.59 -4.84
N TRP A 109 0.55 12.85 -4.51
CA TRP A 109 1.79 13.19 -3.79
C TRP A 109 1.85 12.48 -2.45
N CYS A 110 0.74 12.48 -1.71
CA CYS A 110 0.68 11.81 -0.43
C CYS A 110 1.03 10.33 -0.54
N ASN A 111 0.24 9.60 -1.33
CA ASN A 111 0.41 8.16 -1.45
C ASN A 111 1.77 7.81 -2.01
N GLY A 112 2.23 8.53 -3.02
CA GLY A 112 3.54 8.27 -3.60
C GLY A 112 4.68 8.50 -2.64
N SER A 113 4.69 9.64 -1.94
CA SER A 113 5.78 9.92 -1.02
C SER A 113 5.80 8.96 0.15
N ILE A 114 4.63 8.71 0.77
CA ILE A 114 4.58 7.83 1.93
C ILE A 114 5.12 6.45 1.58
N PHE A 115 4.62 5.86 0.49
CA PHE A 115 5.01 4.52 0.13
C PHE A 115 6.25 4.45 -0.76
N GLY A 116 6.87 5.58 -1.08
CA GLY A 116 8.17 5.55 -1.70
C GLY A 116 9.27 5.66 -0.67
N ILE A 117 8.98 6.35 0.43
CA ILE A 117 9.91 6.35 1.55
C ILE A 117 9.94 5.00 2.23
N HIS A 118 8.77 4.38 2.41
CA HIS A 118 8.72 3.05 3.02
C HIS A 118 9.28 1.97 2.11
N ASN A 119 8.89 1.95 0.83
CA ASN A 119 9.33 0.90 -0.07
C ASN A 119 10.82 0.95 -0.36
N SER A 120 11.48 2.07 -0.06
CA SER A 120 12.92 2.21 -0.22
C SER A 120 13.68 2.13 1.10
N VAL A 121 13.06 1.57 2.15
CA VAL A 121 13.68 1.53 3.48
C VAL A 121 14.98 0.75 3.52
N GLY A 122 15.21 -0.16 2.58
CA GLY A 122 16.42 -0.95 2.59
C GLY A 122 17.70 -0.19 2.33
N ILE A 123 17.64 0.87 1.52
CA ILE A 123 18.87 1.58 1.15
C ILE A 123 19.41 2.40 2.32
N LEU A 124 18.55 3.15 3.02
CA LEU A 124 19.03 3.98 4.11
C LEU A 124 19.65 3.14 5.22
N TYR A 125 19.02 2.02 5.56
CA TYR A 125 19.51 1.21 6.66
C TYR A 125 20.73 0.39 6.25
N SER A 126 20.83 0.03 4.98
CA SER A 126 22.08 -0.53 4.47
C SER A 126 23.21 0.47 4.63
N MET A 127 22.94 1.74 4.29
CA MET A 127 23.94 2.78 4.49
C MET A 127 24.27 2.96 5.96
N LEU A 128 23.26 2.86 6.84
CA LEU A 128 23.49 3.02 8.27
C LEU A 128 24.37 1.89 8.80
N LEU A 129 24.14 0.66 8.34
CA LEU A 129 25.04 -0.43 8.68
C LEU A 129 26.44 -0.17 8.15
N GLU A 130 26.54 0.36 6.92
CA GLU A 130 27.85 0.65 6.34
C GLU A 130 28.62 1.67 7.17
N GLU A 131 27.93 2.72 7.65
CA GLU A 131 28.57 3.72 8.48
C GLU A 131 28.72 3.22 9.92
N GLN A 142 17.12 -6.77 14.80
CA GLN A 142 16.65 -5.53 15.41
C GLN A 142 16.42 -4.44 14.36
N ALA A 143 17.38 -4.31 13.45
CA ALA A 143 17.30 -3.28 12.41
C ALA A 143 16.19 -3.58 11.42
N ALA A 144 15.81 -4.84 11.30
CA ALA A 144 14.79 -5.25 10.34
C ALA A 144 13.38 -4.85 10.76
N TRP A 145 13.08 -4.99 12.06
CA TRP A 145 11.71 -4.80 12.52
C TRP A 145 11.24 -3.36 12.56
N VAL A 146 12.16 -2.38 12.56
CA VAL A 146 11.72 -0.99 12.61
C VAL A 146 11.01 -0.61 11.31
N GLY A 147 11.48 -1.14 10.18
CA GLY A 147 10.81 -0.86 8.92
C GLY A 147 9.44 -1.50 8.85
N ALA A 148 9.32 -2.73 9.36
CA ALA A 148 8.02 -3.38 9.42
C ALA A 148 7.08 -2.63 10.35
N LEU A 149 7.58 -2.14 11.47
CA LEU A 149 6.76 -1.34 12.37
C LEU A 149 6.29 -0.06 11.69
N ALA A 150 7.18 0.61 10.97
CA ALA A 150 6.80 1.83 10.28
C ALA A 150 5.74 1.56 9.22
N MET A 151 5.90 0.48 8.45
CA MET A 151 4.94 0.16 7.40
C MET A 151 3.59 -0.27 7.99
N GLY A 152 3.59 -1.01 9.10
CA GLY A 152 2.35 -1.47 9.67
C GLY A 152 1.64 -0.45 10.53
N MET A 153 2.37 0.56 11.02
CA MET A 153 1.74 1.61 11.81
C MET A 153 0.80 2.45 10.96
N ILE A 154 1.00 2.48 9.65
CA ILE A 154 0.07 3.14 8.74
C ILE A 154 -1.30 2.46 8.80
N PHE A 155 -1.29 1.12 8.87
CA PHE A 155 -2.53 0.36 8.89
C PHE A 155 -3.14 0.27 10.28
N PHE A 156 -2.33 0.14 11.33
CA PHE A 156 -2.88 -0.07 12.67
C PHE A 156 -3.60 1.17 13.20
N CYS A 157 -3.09 2.37 12.89
CA CYS A 157 -3.67 3.60 13.42
C CYS A 157 -4.87 4.08 12.63
N SER A 158 -5.17 3.47 11.49
CA SER A 158 -6.26 3.90 10.62
C SER A 158 -7.61 3.93 11.33
N PRO A 159 -7.95 2.93 12.17
CA PRO A 159 -9.19 3.04 12.95
C PRO A 159 -9.20 4.27 13.84
N ILE A 160 -8.05 4.62 14.40
CA ILE A 160 -7.93 5.84 15.21
C ILE A 160 -8.02 7.07 14.31
N VAL A 161 -7.38 7.01 13.14
CA VAL A 161 -7.35 8.16 12.25
C VAL A 161 -8.75 8.48 11.74
N SER A 162 -9.60 7.46 11.61
CA SER A 162 -10.95 7.69 11.10
C SER A 162 -11.75 8.59 12.03
N ILE A 163 -11.61 8.42 13.34
CA ILE A 163 -12.33 9.25 14.30
C ILE A 163 -11.88 10.70 14.19
N PHE A 164 -10.56 10.94 14.16
CA PHE A 164 -10.06 12.29 14.01
C PHE A 164 -10.49 12.90 12.69
N THR A 165 -10.56 12.10 11.63
CA THR A 165 -11.07 12.61 10.36
C THR A 165 -12.52 13.05 10.52
N ASP A 166 -13.38 12.17 11.03
CA ASP A 166 -14.80 12.48 11.17
C ASP A 166 -15.01 13.73 12.01
N ARG A 167 -14.16 13.94 13.01
CA ARG A 167 -14.33 15.10 13.89
C ARG A 167 -13.76 16.38 13.28
N LEU A 168 -12.48 16.35 12.90
CA LEU A 168 -11.77 17.57 12.56
C LEU A 168 -11.73 17.90 11.08
N GLY A 169 -12.25 17.04 10.21
CA GLY A 169 -12.11 17.28 8.79
C GLY A 169 -10.87 16.60 8.22
N CYS A 170 -11.01 16.20 6.95
CA CYS A 170 -9.90 15.55 6.26
C CYS A 170 -8.70 16.47 6.15
N ARG A 171 -8.93 17.76 5.87
CA ARG A 171 -7.85 18.72 5.75
C ARG A 171 -7.04 18.82 7.04
N ILE A 172 -7.72 19.02 8.16
CA ILE A 172 -7.02 19.15 9.44
C ILE A 172 -6.30 17.86 9.80
N THR A 173 -6.97 16.71 9.63
CA THR A 173 -6.34 15.45 10.00
C THR A 173 -5.11 15.17 9.14
N ALA A 174 -5.22 15.37 7.83
CA ALA A 174 -4.08 15.13 6.94
C ALA A 174 -2.94 16.10 7.22
N THR A 175 -3.26 17.37 7.47
CA THR A 175 -2.21 18.35 7.76
C THR A 175 -1.49 18.01 9.06
N ALA A 176 -2.24 17.65 10.11
CA ALA A 176 -1.60 17.26 11.37
C ALA A 176 -0.74 16.01 11.20
N GLY A 177 -1.25 15.02 10.44
CA GLY A 177 -0.48 13.81 10.23
C GLY A 177 0.79 14.07 9.44
N ALA A 178 0.71 14.91 8.41
CA ALA A 178 1.88 15.23 7.62
C ALA A 178 2.90 16.02 8.44
N ALA A 179 2.41 16.91 9.31
CA ALA A 179 3.31 17.64 10.20
C ALA A 179 4.03 16.68 11.15
N VAL A 180 3.29 15.73 11.73
CA VAL A 180 3.91 14.77 12.64
C VAL A 180 4.91 13.89 11.89
N ALA A 181 4.56 13.49 10.66
CA ALA A 181 5.48 12.69 9.84
C ALA A 181 6.76 13.46 9.53
N PHE A 182 6.62 14.75 9.20
CA PHE A 182 7.79 15.59 8.95
C PHE A 182 8.64 15.71 10.20
N ILE A 183 8.01 15.91 11.36
CA ILE A 183 8.75 16.00 12.61
C ILE A 183 9.53 14.72 12.86
N GLY A 184 8.87 13.57 12.71
CA GLY A 184 9.56 12.31 12.96
C GLY A 184 10.70 12.06 11.99
N LEU A 185 10.43 12.27 10.70
CA LEU A 185 11.44 12.00 9.67
C LEU A 185 12.59 13.00 9.74
N HIS A 186 12.37 14.16 10.35
CA HIS A 186 13.44 15.13 10.49
C HIS A 186 14.27 14.89 11.74
N THR A 187 13.61 14.61 12.88
CA THR A 187 14.35 14.29 14.09
C THR A 187 15.05 12.94 13.99
N SER A 188 14.63 12.08 13.05
CA SER A 188 15.37 10.85 12.81
C SER A 188 16.79 11.13 12.31
N SER A 189 17.02 12.32 11.75
CA SER A 189 18.36 12.69 11.28
C SER A 189 19.30 13.04 12.41
N PHE A 190 18.81 13.69 13.47
CA PHE A 190 19.65 14.11 14.58
C PHE A 190 19.86 13.00 15.61
N THR A 191 19.18 11.87 15.47
CA THR A 191 19.32 10.77 16.42
C THR A 191 20.52 9.92 16.07
N SER A 192 21.40 9.69 17.05
CA SER A 192 22.55 8.82 16.88
C SER A 192 22.33 7.42 17.44
N SER A 193 21.26 7.19 18.18
CA SER A 193 20.99 5.91 18.80
C SER A 193 19.91 5.16 18.04
N LEU A 194 20.10 3.85 17.86
CA LEU A 194 19.09 3.03 17.20
C LEU A 194 17.78 3.02 17.99
N SER A 195 17.86 3.09 19.31
CA SER A 195 16.65 3.09 20.13
C SER A 195 15.77 4.29 19.83
N LEU A 196 16.39 5.45 19.58
CA LEU A 196 15.62 6.63 19.22
C LEU A 196 15.03 6.54 17.81
N ARG A 197 15.58 5.69 16.95
CA ARG A 197 15.02 5.49 15.62
C ARG A 197 13.84 4.54 15.60
N TYR A 198 13.60 3.78 16.68
CA TYR A 198 12.34 3.07 16.81
C TYR A 198 11.20 4.03 17.10
N PHE A 199 11.53 5.21 17.65
CA PHE A 199 10.50 6.18 18.00
C PHE A 199 10.33 7.22 16.91
N THR A 200 11.42 7.92 16.56
CA THR A 200 11.31 9.04 15.64
C THR A 200 10.83 8.60 14.26
N TYR A 201 11.34 7.47 13.77
CA TYR A 201 10.91 6.99 12.46
C TYR A 201 9.92 5.85 12.58
N GLY A 202 10.08 5.00 13.60
CA GLY A 202 9.22 3.85 13.75
C GLY A 202 7.77 4.20 14.04
N ILE A 203 7.51 4.81 15.19
CA ILE A 203 6.14 5.09 15.60
C ILE A 203 5.70 6.49 15.22
N LEU A 204 6.62 7.46 15.26
CA LEU A 204 6.23 8.85 14.99
C LEU A 204 5.96 9.07 13.51
N PHE A 205 6.94 8.74 12.67
CA PHE A 205 6.76 8.83 11.22
C PHE A 205 5.67 7.88 10.76
N GLY A 206 5.58 6.69 11.37
CA GLY A 206 4.56 5.74 10.99
C GLY A 206 3.15 6.23 11.27
N CYS A 207 2.93 6.79 12.47
CA CYS A 207 1.62 7.36 12.78
C CYS A 207 1.32 8.58 11.92
N GLY A 208 2.34 9.40 11.66
CA GLY A 208 2.15 10.54 10.78
C GLY A 208 1.69 10.12 9.40
N CYS A 209 2.30 9.07 8.86
CA CYS A 209 1.90 8.58 7.55
C CYS A 209 0.46 8.05 7.54
N SER A 210 0.03 7.37 8.60
CA SER A 210 -1.34 6.91 8.66
C SER A 210 -2.34 8.06 8.71
N PHE A 211 -2.08 9.04 9.59
CA PHE A 211 -2.94 10.21 9.67
C PHE A 211 -2.93 11.03 8.39
N ALA A 212 -1.84 10.97 7.62
CA ALA A 212 -1.81 11.68 6.35
C ALA A 212 -2.51 10.90 5.24
N PHE A 213 -2.46 9.57 5.29
CA PHE A 213 -2.90 8.77 4.16
C PHE A 213 -4.38 8.45 4.22
N GLN A 214 -4.94 8.20 5.40
CA GLN A 214 -6.36 7.86 5.41
C GLN A 214 -7.23 9.00 4.85
N PRO A 215 -7.01 10.26 5.26
CA PRO A 215 -7.74 11.36 4.61
C PRO A 215 -7.44 11.47 3.12
N SER A 216 -6.26 11.05 2.67
CA SER A 216 -5.96 11.09 1.25
C SER A 216 -6.94 10.21 0.46
N LEU A 217 -7.28 9.04 0.98
CA LEU A 217 -8.31 8.22 0.37
C LEU A 217 -9.70 8.78 0.57
N VAL A 218 -9.99 9.32 1.75
CA VAL A 218 -11.36 9.72 2.05
C VAL A 218 -11.76 10.95 1.24
N ILE A 219 -10.85 11.91 1.05
CA ILE A 219 -11.22 13.18 0.42
C ILE A 219 -11.64 13.00 -1.03
N LEU A 220 -11.12 11.98 -1.71
CA LEU A 220 -11.45 11.78 -3.12
C LEU A 220 -12.94 11.51 -3.31
N GLY A 221 -13.60 10.97 -2.28
CA GLY A 221 -15.02 10.72 -2.37
C GLY A 221 -15.91 11.93 -2.18
N HIS A 222 -15.35 13.02 -1.64
CA HIS A 222 -16.11 14.26 -1.53
C HIS A 222 -16.33 14.93 -2.89
N TYR A 223 -15.47 14.67 -3.86
CA TYR A 223 -15.50 15.33 -5.15
C TYR A 223 -16.02 14.45 -6.27
N PHE A 224 -15.62 13.18 -6.30
CA PHE A 224 -16.02 12.25 -7.34
C PHE A 224 -16.97 11.21 -6.78
N GLN A 225 -18.09 11.00 -7.46
CA GLN A 225 -19.01 9.93 -7.14
C GLN A 225 -19.24 9.06 -8.37
N ARG A 226 -19.32 9.70 -9.54
CA ARG A 226 -19.50 8.98 -10.80
C ARG A 226 -18.17 8.49 -11.35
N ARG A 227 -17.11 9.29 -11.19
CA ARG A 227 -15.79 8.92 -11.69
C ARG A 227 -14.84 8.69 -10.52
N LEU A 228 -15.37 8.24 -9.38
CA LEU A 228 -14.54 7.98 -8.22
C LEU A 228 -13.49 6.90 -8.51
N GLY A 229 -13.89 5.84 -9.21
CA GLY A 229 -12.93 4.82 -9.59
C GLY A 229 -11.82 5.38 -10.46
N LEU A 230 -12.17 6.27 -11.39
CA LEU A 230 -11.17 6.89 -12.25
C LEU A 230 -10.21 7.75 -11.44
N ALA A 231 -10.74 8.52 -10.48
CA ALA A 231 -9.89 9.35 -9.65
C ALA A 231 -8.92 8.50 -8.84
N ASN A 232 -9.42 7.44 -8.21
CA ASN A 232 -8.55 6.57 -7.42
C ASN A 232 -7.53 5.85 -8.30
N GLY A 233 -7.92 5.46 -9.51
CA GLY A 233 -6.99 4.86 -10.44
C GLY A 233 -5.88 5.79 -10.84
N VAL A 234 -6.22 7.05 -11.12
CA VAL A 234 -5.20 8.05 -11.46
C VAL A 234 -4.28 8.27 -10.27
N VAL A 235 -4.85 8.36 -9.06
CA VAL A 235 -4.04 8.56 -7.86
C VAL A 235 -3.06 7.41 -7.68
N SER A 236 -3.54 6.18 -7.81
CA SER A 236 -2.68 5.00 -7.63
C SER A 236 -1.62 4.90 -8.72
N ALA A 237 -2.00 5.16 -9.97
CA ALA A 237 -1.03 5.10 -11.06
C ALA A 237 0.06 6.16 -10.89
N GLY A 238 -0.31 7.38 -10.52
CA GLY A 238 0.67 8.42 -10.27
C GLY A 238 1.54 8.13 -9.07
N SER A 239 0.94 7.54 -8.03
CA SER A 239 1.67 7.16 -6.83
C SER A 239 2.69 6.08 -7.11
N SER A 240 2.38 5.13 -7.99
CA SER A 240 3.36 4.14 -8.39
C SER A 240 4.59 4.78 -9.02
N ILE A 241 4.40 5.91 -9.73
CA ILE A 241 5.52 6.61 -10.33
C ILE A 241 6.46 7.14 -9.27
N PHE A 242 5.91 7.74 -8.21
CA PHE A 242 6.73 8.14 -7.07
C PHE A 242 7.41 6.94 -6.43
N SER A 243 6.65 5.85 -6.24
CA SER A 243 7.20 4.67 -5.59
C SER A 243 8.36 4.07 -6.37
N MET A 244 8.38 4.22 -7.69
CA MET A 244 9.50 3.74 -8.50
C MET A 244 10.51 4.82 -8.83
N SER A 245 10.53 5.93 -8.09
CA SER A 245 11.55 6.96 -8.26
C SER A 245 12.40 7.19 -7.01
N PHE A 246 11.79 7.13 -5.82
CA PHE A 246 12.49 7.37 -4.57
C PHE A 246 13.69 6.44 -4.38
N PRO A 247 13.60 5.12 -4.70
CA PRO A 247 14.78 4.26 -4.61
C PRO A 247 15.99 4.84 -5.31
N PHE A 248 15.79 5.43 -6.50
CA PHE A 248 16.91 6.06 -7.20
C PHE A 248 17.38 7.33 -6.51
N LEU A 249 16.46 8.24 -6.16
CA LEU A 249 16.85 9.53 -5.60
C LEU A 249 17.74 9.39 -4.39
N ILE A 250 17.43 8.47 -3.48
CA ILE A 250 18.24 8.24 -2.29
C ILE A 250 19.61 7.69 -2.66
N ARG A 251 19.71 6.93 -3.75
CA ARG A 251 21.01 6.39 -4.13
C ARG A 251 21.88 7.44 -4.82
N MET A 252 21.25 8.41 -5.50
CA MET A 252 22.00 9.61 -5.89
C MET A 252 22.45 10.40 -4.67
N LEU A 253 21.57 10.57 -3.68
CA LEU A 253 21.91 11.38 -2.52
C LEU A 253 23.03 10.76 -1.69
N GLY A 254 22.99 9.44 -1.50
CA GLY A 254 23.96 8.79 -0.63
C GLY A 254 25.39 8.93 -1.11
N ASP A 255 25.59 8.97 -2.42
CA ASP A 255 26.92 9.13 -2.99
C ASP A 255 27.52 10.50 -2.70
N LYS A 256 26.72 11.46 -2.23
CA LYS A 256 27.19 12.80 -1.95
C LYS A 256 26.97 13.25 -0.51
N ILE A 257 25.91 12.79 0.14
CA ILE A 257 25.58 13.23 1.51
C ILE A 257 25.40 12.00 2.39
N LYS A 258 25.52 12.22 3.70
CA LYS A 258 25.38 11.15 4.67
C LYS A 258 23.90 10.82 4.89
N LEU A 259 23.64 9.90 5.83
CA LEU A 259 22.29 9.41 6.03
C LEU A 259 21.43 10.47 6.71
N ALA A 260 22.01 11.21 7.66
CA ALA A 260 21.25 12.25 8.35
C ALA A 260 20.71 13.27 7.37
N GLN A 261 21.59 13.79 6.50
CA GLN A 261 21.13 14.71 5.47
C GLN A 261 20.16 14.05 4.51
N THR A 262 20.26 12.72 4.34
CA THR A 262 19.25 12.01 3.55
C THR A 262 17.87 12.08 4.19
N PHE A 263 17.79 11.90 5.51
CA PHE A 263 16.52 12.10 6.19
C PHE A 263 16.03 13.54 6.07
N GLN A 264 16.95 14.50 6.17
CA GLN A 264 16.55 15.90 5.99
C GLN A 264 15.97 16.13 4.60
N VAL A 265 16.59 15.55 3.57
CA VAL A 265 16.08 15.70 2.21
C VAL A 265 14.74 14.99 2.04
N LEU A 266 14.58 13.82 2.66
CA LEU A 266 13.29 13.13 2.58
C LEU A 266 12.21 13.89 3.32
N SER A 267 12.60 14.72 4.29
CA SER A 267 11.61 15.44 5.08
C SER A 267 10.85 16.49 4.26
N THR A 268 11.47 17.03 3.20
CA THR A 268 10.78 18.09 2.48
C THR A 268 9.58 17.54 1.70
N PHE A 269 9.58 16.24 1.39
CA PHE A 269 8.38 15.64 0.80
C PHE A 269 7.22 15.64 1.78
N MET A 270 7.48 15.34 3.06
CA MET A 270 6.42 15.48 4.06
C MET A 270 6.03 16.93 4.28
N PHE A 271 6.99 17.85 4.17
CA PHE A 271 6.65 19.27 4.28
C PHE A 271 5.73 19.71 3.13
N VAL A 272 6.05 19.29 1.91
CA VAL A 272 5.22 19.61 0.75
C VAL A 272 3.85 18.92 0.88
N LEU A 273 3.82 17.71 1.44
CA LEU A 273 2.55 17.04 1.66
C LEU A 273 1.70 17.81 2.68
N MET A 274 2.34 18.33 3.73
CA MET A 274 1.62 19.15 4.70
C MET A 274 1.05 20.40 4.04
N LEU A 275 1.83 21.02 3.15
CA LEU A 275 1.33 22.18 2.40
C LEU A 275 0.17 21.80 1.49
N LEU A 276 0.27 20.65 0.81
CA LEU A 276 -0.72 20.27 -0.18
C LEU A 276 -2.00 19.78 0.46
N SER A 277 -1.93 19.21 1.66
CA SER A 277 -3.11 18.73 2.34
C SER A 277 -4.07 19.85 2.74
N LEU A 278 -3.64 21.10 2.65
CA LEU A 278 -4.51 22.24 2.88
C LEU A 278 -5.57 22.39 1.79
N THR A 279 -5.45 21.65 0.69
CA THR A 279 -6.39 21.70 -0.41
C THR A 279 -7.59 20.78 -0.22
N TYR A 280 -7.66 20.06 0.90
CA TYR A 280 -8.75 19.12 1.15
C TYR A 280 -9.95 19.90 1.67
N ARG A 281 -10.51 20.74 0.82
CA ARG A 281 -11.69 21.51 1.18
C ARG A 281 -12.91 20.58 1.24
N PRO A 282 -13.61 20.52 2.36
CA PRO A 282 -14.73 19.58 2.48
C PRO A 282 -16.03 20.13 1.91
N LEU A 283 -16.58 19.44 0.92
CA LEU A 283 -17.88 19.79 0.38
C LEU A 283 -19.02 19.10 1.11
N LEU A 284 -18.89 17.81 1.38
CA LEU A 284 -19.94 17.07 2.04
C LEU A 284 -20.03 17.48 3.51
N PRO A 285 -21.26 17.68 4.02
CA PRO A 285 -21.46 18.12 5.40
C PRO A 285 -21.43 16.97 6.41
N TYR A 310 -17.72 7.99 19.69
CA TYR A 310 -16.76 8.16 18.61
C TYR A 310 -16.33 6.81 18.04
N PHE A 311 -16.50 5.74 18.82
CA PHE A 311 -16.37 4.39 18.28
C PHE A 311 -17.68 3.95 17.66
N ASN A 312 -18.03 4.53 16.51
CA ASN A 312 -19.28 4.22 15.84
C ASN A 312 -19.20 2.81 15.25
N MET A 313 -19.85 1.87 15.93
CA MET A 313 -19.90 0.49 15.48
C MET A 313 -20.97 0.33 14.40
N ARG A 314 -21.66 1.43 14.09
CA ARG A 314 -22.72 1.42 13.09
C ARG A 314 -22.22 0.99 11.71
N VAL A 315 -20.93 1.13 11.44
CA VAL A 315 -20.40 0.69 10.16
C VAL A 315 -20.39 -0.84 10.09
N PHE A 316 -20.06 -1.50 11.21
CA PHE A 316 -20.17 -2.95 11.29
C PHE A 316 -21.60 -3.45 11.28
N ARG A 317 -22.58 -2.56 11.48
CA ARG A 317 -23.98 -2.97 11.42
C ARG A 317 -24.36 -3.48 10.04
N GLN A 318 -23.61 -3.10 9.00
CA GLN A 318 -23.83 -3.59 7.65
C GLN A 318 -23.08 -4.90 7.46
N ARG A 319 -23.81 -5.96 7.10
CA ARG A 319 -23.18 -7.27 6.94
C ARG A 319 -22.27 -7.30 5.73
N THR A 320 -22.63 -6.59 4.66
CA THR A 320 -21.82 -6.59 3.45
C THR A 320 -20.42 -6.07 3.73
N TYR A 321 -20.33 -4.98 4.50
CA TYR A 321 -19.03 -4.44 4.84
C TYR A 321 -18.22 -5.45 5.66
N ARG A 322 -18.87 -6.13 6.60
CA ARG A 322 -18.17 -7.12 7.41
C ARG A 322 -17.57 -8.22 6.55
N ILE A 323 -18.38 -8.83 5.68
CA ILE A 323 -17.88 -9.93 4.86
C ILE A 323 -16.81 -9.44 3.90
N TRP A 324 -17.01 -8.24 3.32
CA TRP A 324 -16.04 -7.70 2.38
C TRP A 324 -14.70 -7.42 3.06
N ALA A 325 -14.73 -6.84 4.26
CA ALA A 325 -13.50 -6.59 5.00
C ALA A 325 -12.82 -7.88 5.41
N PHE A 326 -13.61 -8.89 5.80
CA PHE A 326 -13.05 -10.20 6.12
C PHE A 326 -12.30 -10.79 4.94
N GLY A 327 -12.93 -10.76 3.75
CA GLY A 327 -12.27 -11.29 2.57
C GLY A 327 -11.02 -10.51 2.21
N ILE A 328 -11.08 -9.19 2.31
CA ILE A 328 -9.91 -8.36 1.98
C ILE A 328 -8.76 -8.65 2.95
N ALA A 329 -9.07 -8.76 4.24
CA ALA A 329 -8.05 -9.07 5.23
C ALA A 329 -7.44 -10.44 4.98
N ALA A 330 -8.27 -11.42 4.61
CA ALA A 330 -7.76 -12.76 4.31
C ALA A 330 -6.82 -12.72 3.11
N ALA A 331 -7.18 -11.95 2.08
CA ALA A 331 -6.34 -11.87 0.89
C ALA A 331 -5.03 -11.12 1.16
N ALA A 332 -5.08 -10.11 2.04
CA ALA A 332 -3.89 -9.34 2.35
C ALA A 332 -2.78 -10.19 2.95
N LEU A 333 -3.11 -11.34 3.54
CA LEU A 333 -2.09 -12.23 4.08
C LEU A 333 -1.15 -12.71 2.99
N GLY A 334 -1.69 -13.09 1.84
CA GLY A 334 -0.87 -13.55 0.74
C GLY A 334 -0.56 -12.46 -0.28
N TYR A 335 -1.08 -11.25 -0.07
CA TYR A 335 -0.87 -10.19 -1.04
C TYR A 335 0.60 -9.81 -1.18
N PHE A 336 1.27 -9.51 -0.07
CA PHE A 336 2.61 -8.91 -0.11
C PHE A 336 3.73 -9.93 -0.26
N VAL A 337 3.45 -11.22 -0.20
CA VAL A 337 4.51 -12.22 -0.29
C VAL A 337 5.30 -12.13 -1.59
N PRO A 338 4.69 -12.04 -2.77
CA PRO A 338 5.50 -11.97 -4.00
C PRO A 338 6.46 -10.80 -4.02
N TYR A 339 6.01 -9.60 -3.69
CA TYR A 339 6.86 -8.43 -3.82
C TYR A 339 8.01 -8.44 -2.81
N VAL A 340 7.99 -9.36 -1.86
CA VAL A 340 9.07 -9.52 -0.88
C VAL A 340 10.02 -10.64 -1.28
N HIS A 341 9.48 -11.79 -1.73
CA HIS A 341 10.31 -12.97 -1.94
C HIS A 341 10.57 -13.32 -3.39
N LEU A 342 10.00 -12.58 -4.35
CA LEU A 342 10.20 -12.89 -5.76
C LEU A 342 11.66 -12.70 -6.17
N MET A 343 12.28 -11.62 -5.69
CA MET A 343 13.68 -11.38 -6.01
C MET A 343 14.58 -12.48 -5.47
N LYS A 344 14.33 -12.92 -4.23
CA LYS A 344 15.12 -14.01 -3.65
C LYS A 344 14.92 -15.30 -4.43
N TYR A 345 13.68 -15.61 -4.83
CA TYR A 345 13.45 -16.80 -5.61
C TYR A 345 14.20 -16.74 -6.93
N VAL A 346 14.16 -15.58 -7.60
CA VAL A 346 14.83 -15.47 -8.89
C VAL A 346 16.34 -15.58 -8.75
N GLU A 347 16.92 -14.95 -7.73
CA GLU A 347 18.36 -15.03 -7.57
C GLU A 347 18.82 -16.41 -7.09
N GLU A 348 17.94 -17.18 -6.47
CA GLU A 348 18.29 -18.54 -6.07
C GLU A 348 18.07 -19.56 -7.19
N GLU A 349 16.87 -19.59 -7.78
CA GLU A 349 16.56 -20.59 -8.78
C GLU A 349 17.21 -20.26 -10.12
N PHE A 350 16.85 -19.12 -10.70
CA PHE A 350 17.36 -18.72 -12.01
C PHE A 350 18.70 -18.01 -11.87
N SER A 351 19.73 -18.80 -11.55
CA SER A 351 21.08 -18.27 -11.40
C SER A 351 21.72 -17.88 -12.72
N GLU A 352 21.30 -18.48 -13.84
CA GLU A 352 21.89 -18.16 -15.13
C GLU A 352 21.50 -16.76 -15.61
N ILE A 353 20.47 -16.16 -15.02
CA ILE A 353 20.00 -14.85 -15.42
C ILE A 353 20.63 -13.80 -14.49
N LYS A 354 21.34 -12.84 -15.09
CA LYS A 354 21.89 -11.73 -14.33
C LYS A 354 21.01 -10.49 -14.35
N GLU A 355 20.21 -10.31 -15.40
CA GLU A 355 19.31 -9.18 -15.54
C GLU A 355 17.95 -9.47 -14.91
N THR A 356 17.92 -9.70 -13.60
CA THR A 356 16.66 -10.00 -12.93
C THR A 356 15.79 -8.76 -12.77
N TRP A 357 16.38 -7.57 -12.79
CA TRP A 357 15.64 -6.34 -12.52
C TRP A 357 14.44 -6.15 -13.44
N VAL A 358 14.47 -6.72 -14.64
CA VAL A 358 13.36 -6.56 -15.58
C VAL A 358 12.06 -7.00 -14.94
N LEU A 359 12.11 -7.99 -14.05
CA LEU A 359 10.88 -8.43 -13.39
C LEU A 359 10.22 -7.27 -12.64
N LEU A 360 11.00 -6.52 -11.85
CA LEU A 360 10.42 -5.36 -11.17
C LEU A 360 9.90 -4.33 -12.16
N VAL A 361 10.51 -4.25 -13.34
CA VAL A 361 9.98 -3.39 -14.38
C VAL A 361 8.62 -3.88 -14.84
N CYS A 362 8.49 -5.19 -15.07
CA CYS A 362 7.26 -5.75 -15.60
C CYS A 362 6.08 -5.40 -14.71
N ILE A 363 6.19 -5.68 -13.41
CA ILE A 363 5.14 -5.27 -12.48
C ILE A 363 4.91 -3.77 -12.59
N GLY A 364 6.00 -3.00 -12.54
CA GLY A 364 5.87 -1.55 -12.67
C GLY A 364 5.27 -1.15 -14.00
N ALA A 365 5.56 -1.94 -15.05
CA ALA A 365 4.97 -1.65 -16.35
C ALA A 365 3.48 -1.93 -16.37
N THR A 366 3.04 -2.95 -15.63
CA THR A 366 1.66 -3.39 -15.73
C THR A 366 0.80 -2.92 -14.57
N SER A 367 1.33 -2.98 -13.34
CA SER A 367 0.53 -2.65 -12.17
C SER A 367 -0.08 -1.27 -12.28
N GLY A 368 0.74 -0.26 -12.56
CA GLY A 368 0.21 1.07 -12.77
C GLY A 368 -0.82 1.10 -13.89
N LEU A 369 -0.50 0.42 -15.00
CA LEU A 369 -1.49 0.26 -16.07
C LEU A 369 -2.74 -0.40 -15.53
N GLY A 370 -2.58 -1.50 -14.80
CA GLY A 370 -3.74 -2.15 -14.19
C GLY A 370 -4.47 -1.23 -13.23
N ARG A 371 -3.76 -0.28 -12.64
CA ARG A 371 -4.41 0.68 -11.77
C ARG A 371 -5.27 1.67 -12.55
N LEU A 372 -4.86 2.02 -13.77
CA LEU A 372 -5.64 3.00 -14.53
C LEU A 372 -6.93 2.38 -15.05
N VAL A 373 -6.81 1.40 -15.94
CA VAL A 373 -7.98 0.90 -16.66
C VAL A 373 -9.01 0.34 -15.68
N SER A 374 -8.56 -0.39 -14.66
CA SER A 374 -9.50 -0.94 -13.68
C SER A 374 -10.34 0.17 -13.06
N GLY A 375 -9.69 1.27 -12.68
CA GLY A 375 -10.45 2.39 -12.15
C GLY A 375 -11.54 2.84 -13.11
N HIS A 376 -11.17 3.04 -14.37
CA HIS A 376 -12.17 3.36 -15.38
C HIS A 376 -13.23 2.27 -15.46
N ILE A 377 -12.81 1.02 -15.49
CA ILE A 377 -13.78 -0.08 -15.55
C ILE A 377 -14.59 -0.12 -14.26
N SER A 378 -13.98 0.28 -13.14
CA SER A 378 -14.70 0.33 -11.88
C SER A 378 -15.89 1.28 -11.97
N ASP A 379 -15.82 2.28 -12.86
CA ASP A 379 -16.94 3.19 -13.02
C ASP A 379 -18.03 2.58 -13.91
N SER A 380 -17.64 1.68 -14.82
CA SER A 380 -18.61 1.10 -15.76
C SER A 380 -19.52 0.07 -15.11
N ILE A 381 -19.04 -0.65 -14.10
CA ILE A 381 -19.81 -1.68 -13.42
C ILE A 381 -20.61 -1.02 -12.30
N PRO A 382 -21.94 -1.11 -12.31
CA PRO A 382 -22.72 -0.42 -11.28
C PRO A 382 -22.96 -1.25 -10.04
N GLY A 383 -22.83 -0.64 -8.87
CA GLY A 383 -23.19 -1.29 -7.63
C GLY A 383 -22.22 -2.37 -7.19
N LEU A 384 -22.71 -3.27 -6.33
CA LEU A 384 -21.89 -4.32 -5.73
C LEU A 384 -21.37 -5.32 -6.75
N LYS A 385 -21.89 -5.31 -7.98
CA LYS A 385 -21.28 -6.11 -9.04
C LYS A 385 -19.82 -5.74 -9.25
N LYS A 386 -19.43 -4.52 -8.87
CA LYS A 386 -18.03 -4.13 -8.87
C LYS A 386 -17.16 -5.13 -8.13
N ILE A 387 -17.65 -5.65 -7.01
CA ILE A 387 -16.90 -6.60 -6.22
C ILE A 387 -16.49 -7.81 -7.04
N TYR A 388 -17.32 -8.24 -7.99
CA TYR A 388 -16.95 -9.36 -8.85
C TYR A 388 -15.64 -9.10 -9.57
N LEU A 389 -15.46 -7.90 -10.13
CA LEU A 389 -14.22 -7.65 -10.86
C LEU A 389 -13.04 -7.52 -9.91
N GLN A 390 -13.30 -7.36 -8.61
CA GLN A 390 -12.25 -7.54 -7.62
C GLN A 390 -12.00 -9.02 -7.34
N VAL A 391 -13.07 -9.81 -7.24
CA VAL A 391 -12.93 -11.25 -7.10
C VAL A 391 -12.13 -11.82 -8.26
N LEU A 392 -12.47 -11.39 -9.48
CA LEU A 392 -11.72 -11.81 -10.66
C LEU A 392 -10.23 -11.54 -10.49
N SER A 393 -9.88 -10.42 -9.85
CA SER A 393 -8.47 -10.17 -9.57
C SER A 393 -7.91 -11.22 -8.62
N PHE A 394 -8.59 -11.43 -7.48
CA PHE A 394 -8.05 -12.28 -6.43
C PHE A 394 -7.69 -13.66 -6.96
N LEU A 395 -8.63 -14.32 -7.64
CA LEU A 395 -8.36 -15.64 -8.20
C LEU A 395 -7.10 -15.61 -9.05
N LEU A 396 -7.03 -14.70 -10.01
CA LEU A 396 -5.82 -14.57 -10.81
C LEU A 396 -4.65 -14.17 -9.93
N LEU A 397 -4.86 -13.22 -9.02
CA LEU A 397 -3.81 -12.87 -8.07
C LEU A 397 -3.36 -14.09 -7.28
N GLY A 398 -4.29 -15.00 -6.99
CA GLY A 398 -3.89 -16.28 -6.42
C GLY A 398 -3.19 -17.16 -7.42
N LEU A 399 -3.77 -17.30 -8.62
CA LEU A 399 -3.30 -18.30 -9.57
C LEU A 399 -1.86 -18.03 -9.99
N MET A 400 -1.59 -16.80 -10.44
CA MET A 400 -0.23 -16.42 -10.80
C MET A 400 0.71 -16.57 -9.61
N SER A 401 0.17 -16.41 -8.39
CA SER A 401 1.01 -16.55 -7.20
C SER A 401 1.53 -17.97 -7.04
N MET A 402 0.80 -18.96 -7.57
CA MET A 402 1.32 -20.31 -7.57
C MET A 402 1.99 -20.69 -8.88
N MET A 403 2.18 -19.73 -9.79
CA MET A 403 2.78 -20.02 -11.08
C MET A 403 4.27 -19.68 -11.16
N ILE A 404 4.81 -18.90 -10.23
CA ILE A 404 6.26 -18.69 -10.19
C ILE A 404 6.99 -20.02 -9.99
N PRO A 405 6.61 -20.87 -9.00
CA PRO A 405 7.36 -22.13 -8.83
C PRO A 405 7.22 -23.07 -10.01
N LEU A 406 6.17 -22.92 -10.79
CA LEU A 406 5.90 -23.80 -11.92
C LEU A 406 6.65 -23.39 -13.19
N CYS A 407 7.22 -22.20 -13.23
CA CYS A 407 7.90 -21.73 -14.44
C CYS A 407 9.28 -22.36 -14.54
N ARG A 408 9.46 -23.22 -15.55
CA ARG A 408 10.76 -23.85 -15.79
C ARG A 408 11.71 -22.96 -16.55
N ASP A 409 11.19 -22.05 -17.38
CA ASP A 409 12.01 -21.11 -18.14
C ASP A 409 11.79 -19.69 -17.61
N PHE A 410 12.45 -18.73 -18.25
CA PHE A 410 12.40 -17.34 -17.83
C PHE A 410 11.30 -16.53 -18.49
N GLY A 411 11.03 -16.77 -19.77
CA GLY A 411 9.97 -16.06 -20.47
C GLY A 411 8.61 -16.32 -19.86
N GLY A 412 8.39 -17.58 -19.44
CA GLY A 412 7.17 -17.90 -18.72
C GLY A 412 7.07 -17.13 -17.42
N LEU A 413 8.19 -16.97 -16.72
CA LEU A 413 8.19 -16.17 -15.49
C LEU A 413 7.85 -14.72 -15.77
N ILE A 414 8.39 -14.15 -16.84
CA ILE A 414 8.07 -12.76 -17.19
C ILE A 414 6.58 -12.64 -17.52
N VAL A 415 6.05 -13.60 -18.27
CA VAL A 415 4.63 -13.57 -18.63
C VAL A 415 3.76 -13.65 -17.39
N VAL A 416 4.11 -14.54 -16.46
CA VAL A 416 3.34 -14.68 -15.22
C VAL A 416 3.42 -13.40 -14.41
N CYS A 417 4.60 -12.78 -14.34
CA CYS A 417 4.74 -11.54 -13.59
C CYS A 417 3.96 -10.39 -14.22
N LEU A 418 3.77 -10.39 -15.54
CA LEU A 418 2.91 -9.38 -16.15
C LEU A 418 1.48 -9.46 -15.60
N PHE A 419 0.91 -10.67 -15.57
CA PHE A 419 -0.42 -10.84 -15.01
C PHE A 419 -0.43 -10.57 -13.51
N LEU A 420 0.67 -10.90 -12.83
CA LEU A 420 0.78 -10.58 -11.41
C LEU A 420 0.67 -9.08 -11.18
N GLY A 421 1.39 -8.30 -11.99
CA GLY A 421 1.29 -6.85 -11.88
C GLY A 421 -0.09 -6.32 -12.20
N LEU A 422 -0.71 -6.87 -13.25
CA LEU A 422 -2.05 -6.45 -13.62
C LEU A 422 -3.03 -6.69 -12.48
N CYS A 423 -2.96 -7.87 -11.87
CA CYS A 423 -3.87 -8.20 -10.77
C CYS A 423 -3.54 -7.39 -9.52
N ASP A 424 -2.25 -7.06 -9.33
CA ASP A 424 -1.88 -6.17 -8.23
C ASP A 424 -2.54 -4.81 -8.40
N GLY A 425 -2.48 -4.26 -9.61
CA GLY A 425 -3.13 -2.98 -9.87
C GLY A 425 -4.63 -3.04 -9.66
N PHE A 426 -5.26 -4.11 -10.14
CA PHE A 426 -6.69 -4.27 -9.90
C PHE A 426 -7.01 -4.35 -8.42
N PHE A 427 -6.23 -5.10 -7.66
CA PHE A 427 -6.47 -5.20 -6.22
C PHE A 427 -6.30 -3.85 -5.53
N ILE A 428 -5.26 -3.09 -5.93
CA ILE A 428 -4.99 -1.82 -5.27
C ILE A 428 -6.09 -0.81 -5.54
N THR A 429 -6.49 -0.66 -6.80
CA THR A 429 -7.29 0.51 -7.19
C THR A 429 -8.71 0.46 -6.64
N ILE A 430 -9.39 -0.69 -6.78
CA ILE A 430 -10.83 -0.76 -6.50
C ILE A 430 -11.14 -0.65 -5.02
N MET A 431 -10.13 -0.60 -4.16
CA MET A 431 -10.37 -0.78 -2.73
C MET A 431 -11.25 0.32 -2.16
N ALA A 432 -10.89 1.59 -2.39
CA ALA A 432 -11.62 2.74 -1.88
C ALA A 432 -13.00 2.92 -2.51
N PRO A 433 -13.17 2.85 -3.86
CA PRO A 433 -14.50 3.08 -4.44
C PRO A 433 -15.57 2.13 -3.94
N ILE A 434 -15.19 0.87 -3.71
CA ILE A 434 -16.13 -0.14 -3.23
C ILE A 434 -16.60 0.23 -1.81
N ALA A 435 -15.71 0.84 -1.02
CA ALA A 435 -16.10 1.28 0.30
C ALA A 435 -17.22 2.31 0.24
N PHE A 436 -17.07 3.31 -0.64
CA PHE A 436 -18.13 4.30 -0.84
C PHE A 436 -19.39 3.65 -1.38
N GLU A 437 -19.25 2.71 -2.30
CA GLU A 437 -20.42 2.05 -2.88
C GLU A 437 -21.20 1.28 -1.81
N LEU A 438 -20.48 0.57 -0.93
CA LEU A 438 -21.12 -0.26 0.08
C LEU A 438 -21.74 0.58 1.19
N VAL A 439 -20.95 1.48 1.78
CA VAL A 439 -21.35 2.14 3.01
C VAL A 439 -21.75 3.59 2.82
N GLY A 440 -21.57 4.15 1.62
CA GLY A 440 -21.92 5.53 1.37
C GLY A 440 -20.79 6.48 1.68
N PRO A 441 -20.98 7.77 1.41
CA PRO A 441 -19.93 8.77 1.66
C PRO A 441 -19.93 9.36 3.07
N MET A 442 -21.03 9.25 3.81
CA MET A 442 -21.04 9.67 5.21
C MET A 442 -20.31 8.70 6.12
N GLN A 443 -20.11 7.46 5.68
CA GLN A 443 -19.50 6.43 6.50
C GLN A 443 -18.26 5.81 5.87
N ALA A 444 -17.79 6.34 4.75
CA ALA A 444 -16.65 5.76 4.04
C ALA A 444 -15.36 5.93 4.84
N SER A 445 -15.27 7.00 5.63
CA SER A 445 -14.06 7.24 6.40
C SER A 445 -13.82 6.13 7.43
N GLN A 446 -14.84 5.82 8.23
CA GLN A 446 -14.71 4.77 9.22
C GLN A 446 -14.51 3.42 8.56
N ALA A 447 -15.21 3.16 7.45
CA ALA A 447 -15.06 1.90 6.74
C ALA A 447 -13.63 1.72 6.25
N ILE A 448 -13.06 2.76 5.64
CA ILE A 448 -11.69 2.68 5.15
C ILE A 448 -10.71 2.49 6.31
N GLY A 449 -10.87 3.26 7.38
CA GLY A 449 -9.98 3.17 8.51
C GLY A 449 -9.99 1.79 9.15
N TYR A 450 -11.20 1.27 9.41
CA TYR A 450 -11.31 -0.05 10.02
C TYR A 450 -10.84 -1.15 9.08
N LEU A 451 -11.09 -1.00 7.78
CA LEU A 451 -10.60 -1.97 6.81
C LEU A 451 -9.08 -2.03 6.83
N LEU A 452 -8.42 -0.88 6.85
CA LEU A 452 -6.96 -0.88 6.96
C LEU A 452 -6.51 -1.46 8.31
N GLY A 453 -7.27 -1.19 9.37
CA GLY A 453 -6.94 -1.77 10.66
C GLY A 453 -6.95 -3.29 10.65
N MET A 454 -7.99 -3.89 10.07
CA MET A 454 -8.02 -5.34 9.94
C MET A 454 -6.96 -5.84 8.96
N MET A 455 -6.65 -5.05 7.93
CA MET A 455 -5.62 -5.45 6.98
C MET A 455 -4.24 -5.45 7.62
N ALA A 456 -4.06 -4.68 8.69
CA ALA A 456 -2.74 -4.47 9.27
C ALA A 456 -2.02 -5.78 9.57
N LEU A 457 -2.66 -6.69 10.31
CA LEU A 457 -1.97 -7.88 10.79
C LEU A 457 -1.54 -8.81 9.65
N PRO A 458 -2.42 -9.20 8.70
CA PRO A 458 -1.97 -10.12 7.64
C PRO A 458 -0.84 -9.58 6.77
N MET A 459 -0.84 -8.28 6.49
CA MET A 459 0.20 -7.71 5.64
C MET A 459 1.57 -7.84 6.29
N ILE A 460 1.65 -7.58 7.59
CA ILE A 460 2.91 -7.77 8.30
C ILE A 460 3.24 -9.25 8.42
N ALA A 461 2.23 -10.08 8.67
CA ALA A 461 2.46 -11.49 8.95
C ALA A 461 2.99 -12.26 7.74
N GLY A 462 2.49 -11.95 6.54
CA GLY A 462 2.76 -12.74 5.36
C GLY A 462 4.23 -13.08 5.08
N PRO A 463 5.03 -12.08 4.75
CA PRO A 463 6.42 -12.34 4.32
C PRO A 463 7.25 -13.07 5.37
N PRO A 464 7.09 -12.77 6.69
CA PRO A 464 7.77 -13.60 7.69
C PRO A 464 7.38 -15.08 7.63
N ILE A 465 6.09 -15.36 7.44
CA ILE A 465 5.64 -16.74 7.32
C ILE A 465 6.25 -17.40 6.09
N ALA A 466 6.29 -16.66 4.98
CA ALA A 466 6.93 -17.18 3.78
C ALA A 466 8.40 -17.49 4.02
N GLY A 467 9.10 -16.61 4.74
CA GLY A 467 10.47 -16.92 5.13
C GLY A 467 10.57 -18.16 5.99
N LEU A 468 9.57 -18.38 6.85
CA LEU A 468 9.56 -19.59 7.67
C LEU A 468 9.45 -20.85 6.81
N LEU A 469 8.52 -20.88 5.85
CA LEU A 469 8.47 -22.05 4.96
C LEU A 469 9.73 -22.15 4.10
N ARG A 470 10.32 -21.02 3.72
CA ARG A 470 11.59 -21.04 3.01
C ARG A 470 12.65 -21.76 3.84
N ASN A 471 12.78 -21.40 5.11
CA ASN A 471 13.77 -22.02 5.98
C ASN A 471 13.45 -23.49 6.25
N CYS A 472 12.17 -23.85 6.34
CA CYS A 472 11.80 -25.21 6.69
C CYS A 472 11.88 -26.19 5.52
N PHE A 473 11.21 -25.89 4.40
CA PHE A 473 11.08 -26.84 3.31
C PHE A 473 12.22 -26.77 2.29
N GLY A 474 13.09 -25.77 2.38
CA GLY A 474 14.23 -25.71 1.49
C GLY A 474 13.99 -25.06 0.15
N ASP A 475 12.80 -24.51 -0.08
CA ASP A 475 12.52 -23.81 -1.33
C ASP A 475 11.36 -22.85 -1.10
N TYR A 476 11.26 -21.87 -2.00
CA TYR A 476 10.18 -20.88 -1.95
C TYR A 476 8.88 -21.40 -2.54
N HIS A 477 8.86 -22.59 -3.12
CA HIS A 477 7.67 -23.11 -3.79
C HIS A 477 6.47 -23.14 -2.85
N VAL A 478 6.65 -23.74 -1.67
CA VAL A 478 5.58 -23.86 -0.69
C VAL A 478 5.20 -22.47 -0.21
N ALA A 479 6.18 -21.57 -0.11
CA ALA A 479 5.89 -20.20 0.26
C ALA A 479 4.97 -19.53 -0.75
N PHE A 480 5.21 -19.70 -2.04
CA PHE A 480 4.33 -19.10 -3.04
C PHE A 480 2.97 -19.77 -3.10
N TYR A 481 2.90 -21.09 -2.85
CA TYR A 481 1.60 -21.75 -2.76
C TYR A 481 0.77 -21.19 -1.60
N PHE A 482 1.40 -21.04 -0.43
CA PHE A 482 0.70 -20.49 0.72
C PHE A 482 0.49 -18.99 0.56
N ALA A 483 1.19 -18.36 -0.38
CA ALA A 483 0.90 -16.97 -0.71
C ALA A 483 -0.29 -16.85 -1.64
N GLY A 484 -0.48 -17.84 -2.52
CA GLY A 484 -1.57 -17.81 -3.48
C GLY A 484 -2.89 -18.30 -2.95
N VAL A 485 -2.86 -19.16 -1.93
CA VAL A 485 -4.12 -19.65 -1.35
C VAL A 485 -4.97 -18.54 -0.74
N PRO A 486 -4.45 -17.66 0.11
CA PRO A 486 -5.31 -16.66 0.79
C PRO A 486 -6.05 -15.75 -0.19
N PRO A 487 -5.45 -15.34 -1.32
CA PRO A 487 -6.26 -14.61 -2.31
C PRO A 487 -7.44 -15.42 -2.81
N ILE A 488 -7.29 -16.73 -2.97
CA ILE A 488 -8.41 -17.55 -3.43
C ILE A 488 -9.49 -17.65 -2.36
N ILE A 489 -9.07 -17.80 -1.09
CA ILE A 489 -10.05 -17.80 0.00
C ILE A 489 -10.78 -16.47 0.05
N GLY A 490 -10.05 -15.37 -0.12
CA GLY A 490 -10.69 -14.06 -0.14
C GLY A 490 -11.66 -13.90 -1.30
N ALA A 491 -11.29 -14.41 -2.46
CA ALA A 491 -12.20 -14.38 -3.61
C ALA A 491 -13.47 -15.16 -3.33
N VAL A 492 -13.33 -16.34 -2.73
CA VAL A 492 -14.51 -17.15 -2.38
C VAL A 492 -15.39 -16.40 -1.39
N ILE A 493 -14.78 -15.76 -0.39
CA ILE A 493 -15.55 -15.00 0.59
C ILE A 493 -16.27 -13.84 -0.08
N LEU A 494 -15.57 -13.12 -0.96
CA LEU A 494 -16.15 -11.93 -1.57
C LEU A 494 -17.20 -12.26 -2.61
N PHE A 495 -17.15 -13.46 -3.18
CA PHE A 495 -18.12 -13.84 -4.22
C PHE A 495 -19.55 -13.79 -3.70
N PHE A 496 -19.73 -14.04 -2.40
CA PHE A 496 -21.07 -14.06 -1.83
C PHE A 496 -21.50 -12.70 -1.29
N VAL A 497 -20.63 -11.70 -1.31
CA VAL A 497 -21.04 -10.37 -0.85
C VAL A 497 -22.11 -9.76 -1.75
N PRO A 498 -21.98 -9.76 -3.08
CA PRO A 498 -23.09 -9.20 -3.88
C PRO A 498 -24.35 -10.05 -3.81
C1 T3 B . -0.06 -0.84 0.00
C2 T3 B . -4.97 0.08 0.51
C3 T3 B . -0.50 0.09 0.93
C4 T3 B . -6.25 0.20 1.03
C5 T3 B . -1.82 0.14 1.31
C6 T3 B . -7.20 0.98 0.40
C7 T3 B . -2.74 -0.75 0.78
C8 T3 B . -6.87 1.65 -0.76
C9 T3 B . -2.32 -1.69 -0.14
C10 T3 B . -5.59 1.53 -1.30
C11 T3 B . -0.97 -1.75 -0.53
C12 T3 B . -4.63 0.74 -0.66
C13 T3 B . 1.39 -0.89 -0.40
CA T3 B . 1.65 -0.09 -1.67
C T3 B . 1.41 -0.96 -2.88
I1 T3 B . -2.48 1.56 2.71
I2 T3 B . -9.12 1.16 1.20
I3 T3 B . -3.71 -3.03 -0.94
N T3 B . 0.75 1.08 -1.73
O1 T3 B . -7.80 2.42 -1.40
O2 T3 B . -4.05 -0.71 1.16
OXT T3 B . 1.41 -0.41 -4.00
O T3 B . 1.24 -2.18 -2.71
#